data_5AWO
#
_entry.id   5AWO
#
_cell.length_a   123.600
_cell.length_b   123.600
_cell.length_c   84.720
_cell.angle_alpha   90.00
_cell.angle_beta   90.00
_cell.angle_gamma   90.00
#
_symmetry.space_group_name_H-M   'I 41'
#
loop_
_entity.id
_entity.type
_entity.pdbx_description
1 polymer Isomaltodextranase
2 non-polymer 'PHOSPHATE ION'
3 non-polymer 'ACETATE ION'
4 water water
#
_entity_poly.entity_id   1
_entity_poly.type   'polypeptide(L)'
_entity_poly.pdbx_seq_one_letter_code
;GSHMATAVTARPGVPVTAAPPLRLASRNSVFTRSGAGPRYWNIYGYSFPHNAPIPENEWKVNIDWLAGNFADFGYDIACT
DGWIEGSSRTTGNGYITSYNDSWQHDWAYWANYLAARKMKLGVYYNPLWVHRAAVEDASKTVLGRPDVKIADLVVPGDFF
ARDIGGNQLYWLDVTKSGAKEYVQGYVRYFKDLGVPYLRIDFLSWYEDGRDANIGQVNAPHGRANYELALSWINEAAGED
MEVSLV(SME)PHMFQDGSAELANGDLVRINADADKGGWDRLSGMRQNWQDAWPNWANPFCGFTGWSHRNGRGQLILDGD
FMRASTFASDEERKTMMNLMVAAGSPLAIADTYQQIGNNAWVYTNKEVLQLNADGLVGKPLYRSATPFSKDPGSRDTERW
AGQLPDGSWGVALFNRSDTETVTKTIDFAKDLGLATGGNVRDLWEHRNLGMDSRATAALAPHASAIFRVTPPKMHGTTRY
PAAFAAWGGGAGFNYNHPGYDGNGFVDGLQAGSGSADPLVTFAVQVPHRGSYAIRYRYANATGDTSTMTVTAEKADRSTV
DGPVHVSFPGLATWDTWGVADGTITLDAGLNLVTIGRGATDKGAINLNWIELDM
;
_entity_poly.pdbx_strand_id   A
#
loop_
_chem_comp.id
_chem_comp.type
_chem_comp.name
_chem_comp.formula
ACT non-polymer 'ACETATE ION' 'C2 H3 O2 -1'
PO4 non-polymer 'PHOSPHATE ION' 'O4 P -3'
#
# COMPACT_ATOMS: atom_id res chain seq x y z
N PRO A 15 -1.20 -32.11 -20.53
CA PRO A 15 -0.40 -30.97 -20.97
C PRO A 15 -1.14 -29.65 -20.83
N VAL A 16 -0.42 -28.56 -20.59
CA VAL A 16 -1.07 -27.25 -20.44
C VAL A 16 -1.54 -26.73 -21.80
N THR A 17 -2.56 -25.89 -21.77
CA THR A 17 -3.15 -25.30 -22.97
C THR A 17 -3.19 -23.79 -22.80
N ALA A 18 -3.25 -23.06 -23.92
CA ALA A 18 -3.30 -21.62 -23.90
C ALA A 18 -4.59 -21.17 -23.21
N ALA A 19 -4.50 -20.07 -22.46
CA ALA A 19 -5.65 -19.53 -21.75
C ALA A 19 -5.74 -18.03 -22.02
N PRO A 20 -6.96 -17.49 -21.97
CA PRO A 20 -7.08 -16.03 -22.04
C PRO A 20 -6.59 -15.37 -20.73
N PRO A 21 -6.30 -14.06 -20.78
CA PRO A 21 -5.89 -13.37 -19.54
C PRO A 21 -7.01 -13.37 -18.50
N LEU A 22 -6.62 -13.38 -17.23
CA LEU A 22 -7.57 -13.17 -16.13
C LEU A 22 -8.08 -11.73 -16.17
N ARG A 23 -9.33 -11.54 -15.79
CA ARG A 23 -9.91 -10.22 -15.59
C ARG A 23 -9.48 -9.66 -14.24
N LEU A 24 -8.92 -8.47 -14.27
CA LEU A 24 -8.39 -7.82 -13.05
C LEU A 24 -9.31 -6.74 -12.52
N ALA A 25 -9.19 -6.46 -11.21
CA ALA A 25 -9.95 -5.43 -10.55
C ALA A 25 -9.05 -4.45 -9.77
N SER A 26 -7.75 -4.46 -10.05
CA SER A 26 -6.83 -3.51 -9.43
C SER A 26 -6.06 -2.73 -10.47
N ARG A 27 -5.57 -1.56 -10.08
CA ARG A 27 -4.74 -0.74 -10.95
C ARG A 27 -3.48 -1.48 -11.37
N ASN A 28 -2.92 -2.28 -10.47
CA ASN A 28 -1.87 -3.23 -10.85
C ASN A 28 -0.67 -2.57 -11.48
N SER A 29 -0.25 -1.44 -10.89
CA SER A 29 0.86 -0.66 -11.44
C SER A 29 2.22 -1.24 -11.04
N VAL A 30 3.28 -0.75 -11.70
CA VAL A 30 4.62 -1.11 -11.36
C VAL A 30 4.93 -0.80 -9.89
N PHE A 31 4.29 0.23 -9.33
CA PHE A 31 4.54 0.57 -7.94
C PHE A 31 4.10 -0.53 -6.97
N THR A 32 2.87 -0.99 -7.09
CA THR A 32 2.42 -2.02 -6.17
C THR A 32 2.99 -3.39 -6.52
N ARG A 33 3.36 -3.60 -7.78
CA ARG A 33 3.97 -4.88 -8.16
C ARG A 33 5.41 -5.03 -7.75
N SER A 34 6.12 -3.90 -7.62
CA SER A 34 7.57 -3.94 -7.41
C SER A 34 8.00 -4.03 -5.95
N GLY A 35 7.09 -3.85 -5.00
CA GLY A 35 7.50 -3.87 -3.60
C GLY A 35 6.60 -3.10 -2.69
N ALA A 36 7.26 -2.56 -1.67
CA ALA A 36 6.61 -1.85 -0.58
C ALA A 36 6.50 -0.37 -0.88
N GLY A 37 5.90 0.37 0.06
CA GLY A 37 5.74 1.79 -0.10
C GLY A 37 7.06 2.55 -0.18
N PRO A 38 7.01 3.78 -0.63
CA PRO A 38 8.19 4.60 -0.77
C PRO A 38 8.68 5.22 0.55
N ARG A 39 9.94 5.62 0.56
CA ARG A 39 10.56 6.35 1.64
C ARG A 39 10.46 7.80 1.32
N TYR A 40 9.96 8.61 2.24
CA TYR A 40 9.85 10.04 2.02
C TYR A 40 9.79 10.84 3.29
N TRP A 41 9.87 12.16 3.15
CA TRP A 41 9.62 13.11 4.21
C TRP A 41 8.46 13.98 3.85
N ASN A 42 7.68 14.36 4.84
CA ASN A 42 6.52 15.22 4.64
C ASN A 42 6.51 16.38 5.62
N ILE A 43 5.99 17.52 5.17
CA ILE A 43 5.96 18.75 5.95
C ILE A 43 4.98 18.73 7.13
N TYR A 44 4.26 17.63 7.35
CA TYR A 44 3.21 17.60 8.38
C TYR A 44 3.74 17.90 9.79
N GLY A 45 4.99 17.53 10.09
CA GLY A 45 5.56 17.82 11.40
C GLY A 45 5.70 19.30 11.67
N TYR A 46 5.83 20.09 10.60
CA TYR A 46 5.76 21.52 10.72
C TYR A 46 4.31 21.99 10.73
N SER A 47 3.54 21.63 9.70
CA SER A 47 2.30 22.31 9.46
C SER A 47 1.21 21.93 10.43
N PHE A 48 1.18 20.68 10.87
CA PHE A 48 0.15 20.27 11.82
C PHE A 48 0.25 21.02 13.17
N PRO A 49 1.42 20.98 13.85
CA PRO A 49 1.43 21.73 15.12
C PRO A 49 1.30 23.25 14.94
N HIS A 50 1.78 23.78 13.81
CA HIS A 50 1.63 25.22 13.54
C HIS A 50 0.24 25.58 13.02
N ASN A 51 -0.54 24.60 12.61
CA ASN A 51 -1.77 24.81 11.88
C ASN A 51 -1.59 25.86 10.80
N ALA A 52 -0.54 25.70 9.99
CA ALA A 52 -0.14 26.72 9.03
C ALA A 52 0.63 26.09 7.88
N PRO A 53 0.57 26.70 6.68
CA PRO A 53 1.45 26.27 5.60
C PRO A 53 2.93 26.45 5.93
N ILE A 54 3.75 25.52 5.47
CA ILE A 54 5.18 25.62 5.78
C ILE A 54 5.78 26.83 5.04
N PRO A 55 6.48 27.71 5.76
CA PRO A 55 7.24 28.73 5.04
C PRO A 55 8.29 28.18 4.10
N GLU A 56 8.56 28.90 3.01
CA GLU A 56 9.48 28.44 2.04
C GLU A 56 10.87 28.20 2.62
N ASN A 57 11.34 29.10 3.51
CA ASN A 57 12.66 28.87 4.11
C ASN A 57 12.73 27.62 5.00
N GLU A 58 11.62 27.32 5.67
CA GLU A 58 11.56 26.09 6.48
C GLU A 58 11.56 24.85 5.60
N TRP A 59 10.87 24.92 4.47
CA TRP A 59 10.95 23.88 3.46
C TRP A 59 12.40 23.67 2.99
N LYS A 60 13.09 24.77 2.68
CA LYS A 60 14.48 24.68 2.21
C LYS A 60 15.40 24.06 3.27
N VAL A 61 15.29 24.54 4.51
CA VAL A 61 16.19 24.05 5.55
C VAL A 61 15.93 22.56 5.83
N ASN A 62 14.67 22.16 5.82
CA ASN A 62 14.39 20.72 5.92
C ASN A 62 14.96 19.91 4.78
N ILE A 63 14.82 20.41 3.54
CA ILE A 63 15.38 19.71 2.40
C ILE A 63 16.91 19.56 2.55
N ASP A 64 17.58 20.65 2.95
CA ASP A 64 19.04 20.61 3.09
C ASP A 64 19.46 19.61 4.17
N TRP A 65 18.68 19.55 5.25
CA TRP A 65 18.88 18.57 6.32
C TRP A 65 18.67 17.15 5.79
N LEU A 66 17.61 16.93 5.02
CA LEU A 66 17.38 15.61 4.45
C LEU A 66 18.50 15.22 3.52
N ALA A 67 18.94 16.16 2.68
CA ALA A 67 19.94 15.82 1.70
C ALA A 67 21.26 15.34 2.36
N GLY A 68 21.56 15.87 3.54
CA GLY A 68 22.78 15.51 4.26
C GLY A 68 22.70 14.33 5.20
N ASN A 69 21.49 13.89 5.52
N ASN A 69 21.47 13.88 5.52
CA ASN A 69 21.37 12.78 6.42
CA ASN A 69 21.25 12.93 6.63
C ASN A 69 20.52 11.71 5.69
C ASN A 69 20.26 11.76 6.38
N PHE A 70 19.23 11.95 5.54
CA PHE A 70 18.34 10.84 5.18
C PHE A 70 18.24 10.42 3.72
N ALA A 71 18.56 11.32 2.80
CA ALA A 71 18.53 10.96 1.38
C ALA A 71 19.45 9.79 1.08
N ASP A 72 20.57 9.71 1.81
CA ASP A 72 21.51 8.60 1.59
C ASP A 72 20.96 7.25 2.06
N PHE A 73 19.91 7.28 2.90
CA PHE A 73 19.21 6.09 3.35
C PHE A 73 17.91 5.86 2.57
N GLY A 74 17.76 6.56 1.46
CA GLY A 74 16.67 6.31 0.54
C GLY A 74 15.48 7.23 0.74
N TYR A 75 15.51 8.11 1.73
CA TYR A 75 14.38 9.03 1.95
C TYR A 75 14.63 10.21 1.02
N ASP A 76 14.34 10.02 -0.25
CA ASP A 76 14.79 11.01 -1.25
C ASP A 76 13.67 11.74 -1.92
N ILE A 77 12.44 11.57 -1.42
CA ILE A 77 11.30 12.42 -1.79
C ILE A 77 10.98 13.39 -0.65
N ALA A 78 10.89 14.68 -0.94
CA ALA A 78 10.41 15.69 -0.02
C ALA A 78 9.01 16.06 -0.47
N CYS A 79 8.02 15.78 0.38
CA CYS A 79 6.61 15.87 -0.01
C CYS A 79 5.88 16.97 0.72
N THR A 80 5.16 17.80 0.00
CA THR A 80 4.29 18.79 0.60
C THR A 80 3.05 18.13 1.21
N ASP A 81 2.24 18.97 1.83
CA ASP A 81 1.01 18.51 2.46
C ASP A 81 -0.10 19.55 2.30
N GLY A 82 -1.06 19.61 3.20
CA GLY A 82 -2.20 20.49 3.10
C GLY A 82 -1.90 21.92 3.50
N TRP A 83 -2.91 22.59 4.01
CA TRP A 83 -2.86 24.02 4.26
C TRP A 83 -2.59 24.73 2.93
N ILE A 84 -3.34 24.33 1.90
CA ILE A 84 -3.16 24.85 0.53
C ILE A 84 -4.23 25.82 0.05
N GLU A 85 -5.14 26.24 0.91
CA GLU A 85 -6.12 27.24 0.46
C GLU A 85 -5.42 28.53 0.04
N GLY A 86 -4.27 28.82 0.61
CA GLY A 86 -3.45 29.98 0.27
C GLY A 86 -2.50 29.77 -0.91
N SER A 87 -2.68 28.65 -1.64
CA SER A 87 -2.00 28.49 -2.93
C SER A 87 -3.01 28.84 -4.02
N SER A 88 -3.04 30.12 -4.42
CA SER A 88 -4.04 30.61 -5.35
C SER A 88 -3.51 30.92 -6.73
N ARG A 89 -2.21 31.18 -6.84
CA ARG A 89 -1.64 31.49 -8.16
C ARG A 89 -1.70 30.25 -9.04
N THR A 90 -2.16 30.40 -10.29
CA THR A 90 -2.23 29.26 -11.19
C THR A 90 -1.69 29.61 -12.59
N THR A 91 -1.41 28.56 -13.34
CA THR A 91 -1.09 28.70 -14.76
C THR A 91 -2.32 29.20 -15.50
N GLY A 92 -2.13 29.43 -16.80
CA GLY A 92 -3.23 29.80 -17.65
C GLY A 92 -4.32 28.74 -17.75
N ASN A 93 -4.04 27.53 -17.25
CA ASN A 93 -5.01 26.45 -17.25
C ASN A 93 -5.51 26.07 -15.86
N GLY A 94 -5.22 26.91 -14.88
CA GLY A 94 -5.77 26.73 -13.53
C GLY A 94 -5.00 25.84 -12.60
N TYR A 95 -3.74 25.53 -12.92
CA TYR A 95 -2.97 24.60 -12.08
C TYR A 95 -2.03 25.39 -11.21
N ILE A 96 -1.96 25.03 -9.92
CA ILE A 96 -1.20 25.84 -8.97
C ILE A 96 0.28 25.86 -9.32
N THR A 97 0.87 27.05 -9.25
CA THR A 97 2.27 27.21 -9.62
C THR A 97 3.27 26.99 -8.48
N SER A 98 2.81 27.01 -7.23
CA SER A 98 3.72 26.77 -6.11
C SER A 98 2.93 26.22 -4.92
N TYR A 99 3.63 25.97 -3.80
CA TYR A 99 2.96 25.45 -2.61
C TYR A 99 2.10 26.50 -1.88
N ASN A 100 2.55 27.75 -1.89
CA ASN A 100 1.85 28.83 -1.20
C ASN A 100 2.18 30.16 -1.87
N ASP A 101 1.23 31.08 -1.85
CA ASP A 101 1.43 32.40 -2.48
C ASP A 101 2.63 33.20 -1.92
N SER A 102 3.09 32.86 -0.69
CA SER A 102 4.27 33.52 -0.10
C SER A 102 5.60 33.05 -0.69
N TRP A 103 5.57 31.92 -1.41
CA TRP A 103 6.78 31.31 -1.94
C TRP A 103 7.28 32.16 -3.10
N GLN A 104 8.60 32.33 -3.16
CA GLN A 104 9.25 33.06 -4.25
C GLN A 104 9.56 32.18 -5.46
N HIS A 105 9.52 30.87 -5.28
CA HIS A 105 9.88 29.95 -6.34
C HIS A 105 8.76 28.99 -6.60
N ASP A 106 8.65 28.54 -7.86
CA ASP A 106 7.61 27.65 -8.31
C ASP A 106 7.98 26.17 -8.14
N TRP A 107 7.08 25.28 -8.53
CA TRP A 107 7.31 23.85 -8.34
C TRP A 107 8.56 23.39 -9.10
N ALA A 108 8.78 23.94 -10.30
CA ALA A 108 9.91 23.48 -11.12
C ALA A 108 11.22 23.84 -10.46
N TYR A 109 11.31 25.05 -9.91
CA TYR A 109 12.50 25.46 -9.18
C TYR A 109 12.80 24.46 -8.07
N TRP A 110 11.78 24.08 -7.31
CA TRP A 110 12.02 23.18 -6.19
C TRP A 110 12.34 21.77 -6.63
N ALA A 111 11.71 21.31 -7.71
CA ALA A 111 12.04 19.99 -8.26
C ALA A 111 13.51 19.96 -8.73
N ASN A 112 14.00 21.05 -9.33
CA ASN A 112 15.41 21.11 -9.70
CA ASN A 112 15.41 21.15 -9.71
C ASN A 112 16.37 21.20 -8.51
N TYR A 113 16.00 21.99 -7.49
CA TYR A 113 16.79 22.14 -6.28
C TYR A 113 16.93 20.74 -5.64
N LEU A 114 15.81 20.01 -5.56
CA LEU A 114 15.83 18.63 -5.07
C LEU A 114 16.71 17.72 -5.94
N ALA A 115 16.58 17.82 -7.26
CA ALA A 115 17.39 17.03 -8.19
C ALA A 115 18.90 17.24 -7.95
N ALA A 116 19.29 18.47 -7.66
CA ALA A 116 20.73 18.76 -7.42
C ALA A 116 21.23 18.05 -6.17
N ARG A 117 20.28 17.68 -5.30
CA ARG A 117 20.58 16.99 -4.06
C ARG A 117 20.19 15.50 -4.09
N LYS A 118 20.05 14.94 -5.29
CA LYS A 118 19.69 13.53 -5.51
C LYS A 118 18.31 13.18 -4.89
N MET A 119 17.39 14.15 -4.96
CA MET A 119 16.07 14.01 -4.36
C MET A 119 14.99 14.39 -5.38
N LYS A 120 13.75 14.09 -5.03
CA LYS A 120 12.58 14.30 -5.88
C LYS A 120 11.48 15.00 -5.08
N LEU A 121 10.60 15.68 -5.81
CA LEU A 121 9.45 16.36 -5.25
C LEU A 121 8.24 15.47 -5.16
N GLY A 122 7.63 15.42 -3.97
CA GLY A 122 6.32 14.81 -3.78
C GLY A 122 5.30 15.89 -3.56
N VAL A 123 4.13 15.75 -4.20
CA VAL A 123 3.10 16.76 -4.12
C VAL A 123 1.81 16.23 -3.50
N TYR A 124 1.32 17.00 -2.53
CA TYR A 124 -0.04 16.84 -2.00
C TYR A 124 -0.98 17.74 -2.78
N TYR A 125 -1.86 17.15 -3.57
CA TYR A 125 -2.97 17.90 -4.14
C TYR A 125 -4.04 16.96 -4.63
N ASN A 126 -5.27 17.48 -4.66
CA ASN A 126 -6.41 16.73 -5.17
C ASN A 126 -6.82 17.41 -6.47
N PRO A 127 -6.71 16.70 -7.61
CA PRO A 127 -6.96 17.37 -8.90
C PRO A 127 -8.44 17.62 -9.19
N LEU A 128 -9.32 17.29 -8.25
CA LEU A 128 -10.71 17.75 -8.32
C LEU A 128 -10.95 19.05 -7.59
N TRP A 129 -9.90 19.64 -7.01
CA TRP A 129 -10.00 20.97 -6.46
C TRP A 129 -9.83 21.97 -7.59
N VAL A 130 -10.67 23.00 -7.58
CA VAL A 130 -10.55 24.11 -8.49
C VAL A 130 -10.49 25.39 -7.66
N HIS A 131 -9.42 26.15 -7.74
CA HIS A 131 -9.30 27.30 -6.86
C HIS A 131 -10.26 28.41 -7.26
N ARG A 132 -10.89 29.05 -6.28
CA ARG A 132 -11.80 30.15 -6.54
C ARG A 132 -11.11 31.27 -7.35
N ALA A 133 -9.84 31.51 -7.13
CA ALA A 133 -9.12 32.56 -7.88
C ALA A 133 -9.03 32.23 -9.37
N ALA A 134 -8.96 30.93 -9.68
CA ALA A 134 -8.90 30.55 -11.08
C ALA A 134 -10.28 30.65 -11.71
N VAL A 135 -11.30 30.24 -10.98
CA VAL A 135 -12.70 30.42 -11.40
C VAL A 135 -13.01 31.88 -11.71
N GLU A 136 -12.48 32.78 -10.90
CA GLU A 136 -12.78 34.21 -10.98
C GLU A 136 -11.97 34.93 -12.07
N ASP A 137 -11.05 34.23 -12.70
CA ASP A 137 -10.24 34.80 -13.79
C ASP A 137 -10.72 34.18 -15.09
N ALA A 138 -11.54 34.95 -15.81
CA ALA A 138 -12.16 34.50 -17.05
C ALA A 138 -11.16 34.13 -18.14
N SER A 139 -9.93 34.61 -18.05
CA SER A 139 -8.88 34.32 -19.03
C SER A 139 -8.37 32.87 -18.95
N LYS A 140 -8.62 32.21 -17.82
CA LYS A 140 -8.11 30.86 -17.64
C LYS A 140 -9.05 29.85 -18.26
N THR A 141 -8.48 28.92 -19.00
CA THR A 141 -9.24 27.92 -19.73
C THR A 141 -8.60 26.56 -19.57
N VAL A 142 -9.39 25.53 -19.81
CA VAL A 142 -8.93 24.14 -19.63
C VAL A 142 -7.85 23.81 -20.66
N LEU A 143 -6.79 23.12 -20.21
CA LEU A 143 -5.72 22.63 -21.09
C LEU A 143 -6.31 21.84 -22.26
N GLY A 144 -5.98 22.29 -23.47
CA GLY A 144 -6.48 21.66 -24.70
C GLY A 144 -7.95 21.91 -25.01
N ARG A 145 -8.62 22.73 -24.19
CA ARG A 145 -10.04 23.02 -24.34
C ARG A 145 -10.27 24.52 -24.11
N PRO A 146 -9.79 25.35 -25.06
CA PRO A 146 -9.95 26.82 -24.94
C PRO A 146 -11.41 27.26 -24.90
N ASP A 147 -12.32 26.38 -25.28
CA ASP A 147 -13.76 26.62 -25.19
C ASP A 147 -14.34 26.51 -23.78
N VAL A 148 -13.56 25.99 -22.82
CA VAL A 148 -14.05 25.81 -21.45
C VAL A 148 -13.24 26.69 -20.50
N LYS A 149 -13.85 27.72 -19.95
CA LYS A 149 -13.21 28.52 -18.91
C LYS A 149 -13.14 27.67 -17.63
N ILE A 150 -12.15 27.93 -16.80
CA ILE A 150 -12.10 27.25 -15.50
C ILE A 150 -13.40 27.49 -14.73
N ALA A 151 -13.98 28.68 -14.90
CA ALA A 151 -15.27 29.04 -14.33
C ALA A 151 -16.41 28.09 -14.70
N ASP A 152 -16.31 27.44 -15.87
CA ASP A 152 -17.32 26.55 -16.42
C ASP A 152 -17.24 25.12 -15.85
N LEU A 153 -16.34 24.88 -14.91
CA LEU A 153 -16.13 23.54 -14.33
C LEU A 153 -16.82 23.29 -12.99
N VAL A 154 -17.45 24.30 -12.42
CA VAL A 154 -17.96 24.19 -11.05
C VAL A 154 -19.45 24.52 -10.92
N VAL A 155 -20.09 23.93 -9.93
CA VAL A 155 -21.45 24.31 -9.53
C VAL A 155 -21.35 25.48 -8.56
N PRO A 156 -22.13 26.55 -8.79
CA PRO A 156 -22.09 27.66 -7.86
C PRO A 156 -22.30 27.21 -6.41
N GLY A 157 -21.43 27.69 -5.52
CA GLY A 157 -21.54 27.36 -4.12
C GLY A 157 -20.95 26.04 -3.67
N ASP A 158 -20.46 25.22 -4.61
CA ASP A 158 -20.05 23.84 -4.30
C ASP A 158 -18.57 23.85 -3.84
N PHE A 159 -18.35 24.43 -2.66
CA PHE A 159 -17.03 24.57 -2.08
C PHE A 159 -16.63 23.35 -1.26
N PHE A 160 -15.37 23.01 -1.40
CA PHE A 160 -14.74 22.10 -0.44
C PHE A 160 -14.95 22.65 0.96
N ALA A 161 -15.44 21.80 1.86
CA ALA A 161 -15.64 22.15 3.27
C ALA A 161 -16.67 23.27 3.47
N ARG A 162 -17.57 23.43 2.52
CA ARG A 162 -18.58 24.49 2.54
C ARG A 162 -19.26 24.62 3.90
N ASP A 163 -19.61 23.49 4.49
CA ASP A 163 -20.47 23.55 5.67
C ASP A 163 -19.73 23.86 6.95
N ILE A 164 -18.40 23.87 6.91
CA ILE A 164 -17.59 24.29 8.05
C ILE A 164 -16.79 25.55 7.72
N GLY A 165 -17.29 26.30 6.73
CA GLY A 165 -16.72 27.60 6.43
C GLY A 165 -15.83 27.70 5.19
N GLY A 166 -15.62 26.59 4.49
CA GLY A 166 -14.72 26.62 3.32
C GLY A 166 -15.31 27.42 2.17
N ASN A 167 -14.48 28.30 1.60
CA ASN A 167 -14.93 29.09 0.46
C ASN A 167 -13.82 29.48 -0.49
N GLN A 168 -12.75 28.68 -0.53
CA GLN A 168 -11.60 28.98 -1.36
C GLN A 168 -11.35 27.96 -2.46
N LEU A 169 -11.76 26.71 -2.26
CA LEU A 169 -11.60 25.66 -3.24
C LEU A 169 -12.95 25.12 -3.62
N TYR A 170 -13.26 25.07 -4.90
CA TYR A 170 -14.43 24.35 -5.35
C TYR A 170 -14.14 22.87 -5.50
N TRP A 171 -15.14 22.03 -5.37
CA TRP A 171 -15.07 20.70 -5.92
C TRP A 171 -15.50 20.76 -7.39
N LEU A 172 -14.70 20.14 -8.25
CA LEU A 172 -15.01 20.01 -9.67
C LEU A 172 -16.30 19.30 -9.90
N ASP A 173 -17.08 19.77 -10.88
CA ASP A 173 -18.24 19.04 -11.37
C ASP A 173 -17.83 18.19 -12.55
N VAL A 174 -17.65 16.90 -12.32
CA VAL A 174 -17.17 15.97 -13.35
C VAL A 174 -18.15 15.76 -14.51
N THR A 175 -19.38 16.26 -14.38
CA THR A 175 -20.36 16.18 -15.48
C THR A 175 -20.22 17.37 -16.45
N LYS A 176 -19.38 18.35 -16.13
CA LYS A 176 -19.22 19.52 -17.02
C LYS A 176 -18.27 19.24 -18.17
N SER A 177 -18.55 19.82 -19.33
CA SER A 177 -17.61 19.68 -20.44
C SER A 177 -16.25 20.23 -20.02
N GLY A 178 -15.20 19.52 -20.38
CA GLY A 178 -13.83 19.92 -20.05
C GLY A 178 -13.29 19.30 -18.77
N ALA A 179 -14.14 18.62 -18.00
CA ALA A 179 -13.72 18.10 -16.69
C ALA A 179 -12.59 17.08 -16.82
N LYS A 180 -12.72 16.13 -17.73
CA LYS A 180 -11.68 15.11 -17.88
C LYS A 180 -10.34 15.74 -18.25
N GLU A 181 -10.35 16.65 -19.21
CA GLU A 181 -9.14 17.29 -19.65
C GLU A 181 -8.50 18.08 -18.49
N TYR A 182 -9.33 18.72 -17.69
CA TYR A 182 -8.82 19.47 -16.52
C TYR A 182 -8.15 18.52 -15.52
N VAL A 183 -8.85 17.46 -15.14
CA VAL A 183 -8.32 16.51 -14.14
C VAL A 183 -7.05 15.84 -14.65
N GLN A 184 -7.14 15.30 -15.87
CA GLN A 184 -5.99 14.60 -16.39
C GLN A 184 -4.80 15.52 -16.63
N GLY A 185 -5.05 16.72 -17.13
CA GLY A 185 -4.03 17.71 -17.25
C GLY A 185 -3.35 18.08 -15.92
N TYR A 186 -4.14 18.10 -14.84
CA TYR A 186 -3.61 18.44 -13.50
C TYR A 186 -2.64 17.36 -13.02
N VAL A 187 -3.06 16.12 -13.21
CA VAL A 187 -2.26 14.96 -12.83
C VAL A 187 -0.96 14.94 -13.67
N ARG A 188 -1.10 15.09 -14.98
CA ARG A 188 0.11 15.15 -15.84
C ARG A 188 0.99 16.36 -15.60
N TYR A 189 0.42 17.47 -15.19
CA TYR A 189 1.19 18.64 -14.81
C TYR A 189 2.23 18.31 -13.73
N PHE A 190 1.80 17.61 -12.69
CA PHE A 190 2.76 17.21 -11.66
C PHE A 190 3.69 16.12 -12.14
N LYS A 191 3.16 15.12 -12.82
CA LYS A 191 3.99 14.04 -13.33
C LYS A 191 5.14 14.61 -14.18
N ASP A 192 4.79 15.55 -15.04
CA ASP A 192 5.75 16.13 -15.98
C ASP A 192 6.82 16.96 -15.29
N LEU A 193 6.45 17.61 -14.19
CA LEU A 193 7.41 18.33 -13.33
C LEU A 193 8.44 17.42 -12.67
N GLY A 194 8.25 16.11 -12.80
CA GLY A 194 9.18 15.13 -12.27
C GLY A 194 8.75 14.59 -10.92
N VAL A 195 7.47 14.71 -10.60
CA VAL A 195 6.92 14.20 -9.34
C VAL A 195 6.63 12.70 -9.40
N PRO A 196 7.22 11.88 -8.51
CA PRO A 196 6.94 10.47 -8.54
C PRO A 196 5.80 10.02 -7.60
N TYR A 197 5.21 10.97 -6.88
CA TYR A 197 4.29 10.65 -5.79
C TYR A 197 3.28 11.79 -5.66
N LEU A 198 2.01 11.47 -5.91
CA LEU A 198 0.91 12.42 -5.79
C LEU A 198 -0.04 11.96 -4.67
N ARG A 199 -0.21 12.80 -3.67
CA ARG A 199 -0.97 12.48 -2.46
C ARG A 199 -2.29 13.23 -2.46
N ILE A 200 -3.37 12.44 -2.61
CA ILE A 200 -4.69 12.99 -2.94
C ILE A 200 -5.61 12.77 -1.73
N ASP A 201 -5.96 13.86 -1.05
CA ASP A 201 -6.66 13.80 0.23
C ASP A 201 -8.11 14.26 0.10
N PHE A 202 -8.90 14.07 1.17
CA PHE A 202 -10.29 14.51 1.25
C PHE A 202 -11.20 13.84 0.22
N LEU A 203 -10.82 12.63 -0.13
CA LEU A 203 -11.61 11.84 -1.08
C LEU A 203 -13.05 11.62 -0.62
N SER A 204 -13.20 11.24 0.64
CA SER A 204 -14.49 10.92 1.20
C SER A 204 -15.38 12.16 1.26
N TRP A 205 -14.76 13.31 1.50
CA TRP A 205 -15.53 14.57 1.50
C TRP A 205 -16.07 14.91 0.11
N TYR A 206 -15.28 14.72 -0.93
CA TYR A 206 -15.82 14.76 -2.32
C TYR A 206 -16.97 13.75 -2.52
N GLU A 207 -16.73 12.50 -2.15
CA GLU A 207 -17.67 11.42 -2.50
C GLU A 207 -19.06 11.60 -1.91
N ASP A 208 -19.15 11.76 -0.59
CA ASP A 208 -20.48 11.92 0.00
C ASP A 208 -20.64 13.12 0.94
N GLY A 209 -19.66 14.00 1.00
CA GLY A 209 -19.78 15.20 1.78
C GLY A 209 -19.94 15.03 3.29
N ARG A 210 -19.57 13.83 3.77
CA ARG A 210 -19.76 13.42 5.17
C ARG A 210 -18.42 13.13 5.83
N ASP A 211 -18.30 13.45 7.12
CA ASP A 211 -17.19 12.99 7.94
C ASP A 211 -17.76 12.55 9.30
N ALA A 212 -17.51 11.30 9.65
CA ALA A 212 -18.08 10.71 10.86
C ALA A 212 -17.59 11.36 12.14
N ASN A 213 -16.52 12.15 12.09
CA ASN A 213 -16.03 12.88 13.24
C ASN A 213 -16.53 14.33 13.32
N ILE A 214 -17.21 14.81 12.28
CA ILE A 214 -17.60 16.23 12.18
C ILE A 214 -19.09 16.39 11.90
N GLY A 215 -19.57 15.74 10.84
CA GLY A 215 -20.91 15.93 10.35
C GLY A 215 -20.93 16.10 8.84
N GLN A 216 -21.90 16.85 8.32
CA GLN A 216 -21.92 17.24 6.93
C GLN A 216 -20.86 18.30 6.71
N VAL A 217 -20.00 18.08 5.74
CA VAL A 217 -18.93 19.03 5.50
C VAL A 217 -19.07 19.79 4.17
N ASN A 218 -19.62 19.13 3.15
CA ASN A 218 -19.91 19.80 1.88
C ASN A 218 -20.91 19.00 1.06
N ALA A 219 -21.20 19.45 -0.16
CA ALA A 219 -22.09 18.71 -1.04
C ALA A 219 -21.52 17.33 -1.38
N PRO A 220 -22.38 16.30 -1.47
CA PRO A 220 -21.97 15.02 -1.99
C PRO A 220 -21.82 15.08 -3.52
N HIS A 221 -21.02 14.19 -4.08
CA HIS A 221 -20.90 14.08 -5.55
C HIS A 221 -21.25 12.74 -6.12
N GLY A 222 -21.45 11.73 -5.24
CA GLY A 222 -22.00 10.45 -5.64
C GLY A 222 -20.96 9.42 -6.05
N ARG A 223 -21.42 8.17 -6.07
CA ARG A 223 -20.56 7.03 -6.30
C ARG A 223 -20.03 6.94 -7.72
N ALA A 224 -20.90 7.16 -8.70
CA ALA A 224 -20.47 7.03 -10.08
C ALA A 224 -19.43 8.10 -10.42
N ASN A 225 -19.64 9.31 -9.92
CA ASN A 225 -18.72 10.41 -10.16
C ASN A 225 -17.36 10.16 -9.51
N TYR A 226 -17.37 9.61 -8.30
CA TYR A 226 -16.14 9.22 -7.62
C TYR A 226 -15.37 8.17 -8.39
N GLU A 227 -16.06 7.13 -8.83
CA GLU A 227 -15.43 6.11 -9.66
C GLU A 227 -14.85 6.66 -10.96
N LEU A 228 -15.61 7.55 -11.60
CA LEU A 228 -15.16 8.16 -12.83
C LEU A 228 -13.90 9.01 -12.60
N ALA A 229 -13.95 9.87 -11.60
CA ALA A 229 -12.82 10.73 -11.24
C ALA A 229 -11.55 9.91 -10.97
N LEU A 230 -11.69 8.88 -10.14
CA LEU A 230 -10.55 7.99 -9.88
C LEU A 230 -9.98 7.35 -11.13
N SER A 231 -10.89 6.97 -12.07
CA SER A 231 -10.40 6.35 -13.31
C SER A 231 -9.57 7.33 -14.14
N TRP A 232 -9.99 8.59 -14.14
CA TRP A 232 -9.25 9.59 -14.88
C TRP A 232 -7.85 9.81 -14.30
N ILE A 233 -7.79 9.87 -12.97
CA ILE A 233 -6.52 10.08 -12.25
C ILE A 233 -5.52 8.92 -12.51
N ASN A 234 -6.05 7.70 -12.40
CA ASN A 234 -5.27 6.49 -12.67
C ASN A 234 -4.67 6.54 -14.07
N GLU A 235 -5.52 6.76 -15.07
CA GLU A 235 -5.03 6.81 -16.43
C GLU A 235 -3.95 7.89 -16.64
N ALA A 236 -4.18 9.08 -16.10
CA ALA A 236 -3.24 10.17 -16.25
C ALA A 236 -1.93 9.96 -15.50
N ALA A 237 -1.99 9.32 -14.31
CA ALA A 237 -0.77 9.04 -13.57
C ALA A 237 0.09 8.00 -14.30
N GLY A 238 -0.59 7.06 -14.94
CA GLY A 238 0.12 5.98 -15.63
C GLY A 238 1.09 5.25 -14.73
N GLU A 239 2.22 4.84 -15.28
CA GLU A 239 3.24 4.07 -14.56
C GLU A 239 4.33 4.95 -13.99
N ASP A 240 4.30 6.25 -14.24
CA ASP A 240 5.40 7.12 -13.87
C ASP A 240 5.22 7.76 -12.50
N MET A 241 3.97 7.91 -12.08
CA MET A 241 3.65 8.63 -10.84
C MET A 241 2.73 7.79 -9.98
N GLU A 242 3.13 7.65 -8.72
CA GLU A 242 2.42 6.84 -7.74
C GLU A 242 1.21 7.59 -7.17
N VAL A 243 0.09 6.88 -7.08
CA VAL A 243 -1.18 7.48 -6.68
C VAL A 243 -1.49 7.07 -5.23
N SER A 244 -1.38 8.05 -4.33
CA SER A 244 -1.70 7.88 -2.90
C SER A 244 -3.06 8.46 -2.60
N LEU A 245 -3.94 7.59 -2.08
CA LEU A 245 -5.31 7.99 -1.78
C LEU A 245 -5.47 8.15 -0.26
N VAL A 246 -5.90 9.34 0.14
CA VAL A 246 -5.94 9.73 1.54
C VAL A 246 -7.40 10.13 1.89
N SME A 247 -7.84 9.78 3.09
CA SME A 247 -9.24 9.89 3.49
CB SME A 247 -9.66 11.37 3.72
CG SME A 247 -8.84 12.09 4.82
S SME A 247 -9.23 13.75 5.08
OE SME A 247 -8.47 14.13 6.31
CE SME A 247 -10.85 13.67 5.59
C SME A 247 -10.26 9.18 2.59
O SME A 247 -11.40 9.69 2.47
N PRO A 248 -9.95 7.99 2.01
CA PRO A 248 -11.00 7.31 1.24
C PRO A 248 -12.05 6.63 2.13
N HIS A 249 -13.32 6.63 1.71
CA HIS A 249 -14.32 5.82 2.42
C HIS A 249 -14.12 4.31 2.29
N MET A 250 -13.46 3.87 1.22
CA MET A 250 -13.22 2.47 0.95
C MET A 250 -14.48 1.62 0.89
N PHE A 251 -15.56 2.20 0.35
CA PHE A 251 -16.79 1.44 0.24
C PHE A 251 -16.61 0.16 -0.62
N GLN A 252 -17.49 -0.80 -0.41
CA GLN A 252 -17.46 -2.06 -1.15
C GLN A 252 -16.07 -2.70 -1.07
N ASP A 253 -15.56 -2.80 0.16
CA ASP A 253 -14.27 -3.43 0.44
C ASP A 253 -13.17 -2.79 -0.39
N GLY A 254 -13.20 -1.47 -0.45
CA GLY A 254 -12.18 -0.72 -1.15
C GLY A 254 -12.12 -0.86 -2.66
N SER A 255 -13.24 -1.19 -3.31
CA SER A 255 -13.18 -1.56 -4.73
C SER A 255 -12.68 -0.43 -5.66
N ALA A 256 -13.17 0.78 -5.46
CA ALA A 256 -12.82 1.90 -6.33
C ALA A 256 -11.36 2.30 -6.15
N GLU A 257 -10.92 2.29 -4.90
CA GLU A 257 -9.54 2.64 -4.58
C GLU A 257 -8.55 1.61 -5.07
N LEU A 258 -8.89 0.34 -4.89
CA LEU A 258 -8.06 -0.75 -5.39
C LEU A 258 -7.91 -0.67 -6.93
N ALA A 259 -9.03 -0.36 -7.59
CA ALA A 259 -9.05 -0.31 -9.08
C ALA A 259 -8.20 0.83 -9.64
N ASN A 260 -8.01 1.89 -8.83
CA ASN A 260 -7.47 3.14 -9.35
C ASN A 260 -6.29 3.77 -8.63
N GLY A 261 -5.83 3.16 -7.53
CA GLY A 261 -4.77 3.70 -6.73
C GLY A 261 -3.64 2.76 -6.44
N ASP A 262 -2.56 3.31 -5.88
CA ASP A 262 -1.42 2.53 -5.39
C ASP A 262 -1.41 2.38 -3.86
N LEU A 263 -1.71 3.47 -3.15
CA LEU A 263 -1.69 3.48 -1.69
C LEU A 263 -3.04 3.92 -1.19
N VAL A 264 -3.47 3.33 -0.06
CA VAL A 264 -4.64 3.80 0.68
C VAL A 264 -4.32 4.00 2.16
N ARG A 265 -4.69 5.16 2.69
CA ARG A 265 -4.60 5.35 4.17
C ARG A 265 -5.51 4.38 4.89
N ILE A 266 -4.98 3.78 5.96
CA ILE A 266 -5.71 2.80 6.75
C ILE A 266 -5.95 3.22 8.19
N ASN A 267 -5.68 4.48 8.52
CA ASN A 267 -5.77 5.00 9.88
C ASN A 267 -6.21 6.43 9.89
N ALA A 268 -6.67 6.88 11.06
CA ALA A 268 -6.84 8.31 11.31
C ALA A 268 -5.50 9.04 11.21
N ASP A 269 -5.54 10.35 10.96
CA ASP A 269 -4.32 11.12 10.80
C ASP A 269 -3.37 10.93 11.99
N ALA A 270 -2.07 10.99 11.73
CA ALA A 270 -1.08 10.90 12.79
C ALA A 270 -1.32 11.94 13.90
N ASP A 271 -1.76 13.15 13.54
CA ASP A 271 -2.15 14.17 14.52
C ASP A 271 -0.95 14.42 15.45
N LYS A 272 -1.20 14.50 16.75
CA LYS A 272 -0.15 14.71 17.75
C LYS A 272 0.75 13.49 17.97
N GLY A 273 0.50 12.39 17.27
CA GLY A 273 1.43 11.29 17.27
C GLY A 273 1.34 10.51 18.56
N GLY A 274 2.44 9.86 18.87
CA GLY A 274 2.52 9.04 20.09
C GLY A 274 1.73 7.75 20.05
N TRP A 275 1.79 7.03 21.15
CA TRP A 275 1.16 5.72 21.26
C TRP A 275 -0.34 5.74 21.07
N ASP A 276 -1.06 6.74 21.57
CA ASP A 276 -2.49 6.72 21.42
C ASP A 276 -2.92 6.77 19.95
N ARG A 277 -2.17 7.50 19.11
CA ARG A 277 -2.48 7.52 17.69
C ARG A 277 -2.00 6.25 16.97
N LEU A 278 -0.93 5.63 17.46
CA LEU A 278 -0.45 4.40 16.85
C LEU A 278 -1.30 3.18 17.16
N SER A 279 -1.86 3.13 18.36
CA SER A 279 -2.46 1.91 18.90
C SER A 279 -3.76 2.11 19.68
N GLY A 280 -4.12 3.36 19.95
CA GLY A 280 -5.28 3.68 20.79
C GLY A 280 -6.46 4.23 20.03
N MET A 281 -7.16 5.16 20.69
CA MET A 281 -8.38 5.85 20.21
C MET A 281 -9.61 4.99 20.28
N ARG A 282 -9.68 3.99 19.42
CA ARG A 282 -10.76 2.99 19.40
C ARG A 282 -10.22 1.84 18.59
N GLN A 283 -10.71 0.64 18.86
CA GLN A 283 -10.31 -0.55 18.16
C GLN A 283 -11.36 -1.03 17.18
N ASN A 284 -12.59 -0.56 17.34
CA ASN A 284 -13.67 -1.05 16.50
C ASN A 284 -13.64 -0.51 15.08
N TRP A 285 -14.20 -1.27 14.15
CA TRP A 285 -14.44 -0.85 12.79
C TRP A 285 -15.68 0.03 12.72
N GLN A 286 -15.69 0.95 11.75
CA GLN A 286 -16.90 1.71 11.42
C GLN A 286 -16.98 1.76 9.91
N ASP A 287 -18.16 2.06 9.39
CA ASP A 287 -18.44 1.95 7.95
C ASP A 287 -18.21 3.23 7.16
N ALA A 288 -17.27 4.04 7.63
CA ALA A 288 -16.94 5.35 7.02
C ALA A 288 -15.49 5.68 7.37
N TRP A 289 -14.93 6.60 6.58
CA TRP A 289 -13.55 7.02 6.77
C TRP A 289 -13.31 7.48 8.20
N PRO A 290 -12.21 7.03 8.83
CA PRO A 290 -11.39 5.89 8.53
C PRO A 290 -12.01 4.66 9.18
N ASN A 291 -12.00 3.52 8.48
CA ASN A 291 -12.74 2.38 9.02
C ASN A 291 -12.17 2.03 10.41
N TRP A 292 -10.84 1.97 10.47
CA TRP A 292 -10.14 1.80 11.73
C TRP A 292 -9.33 3.04 12.07
N ALA A 293 -9.25 3.39 13.36
CA ALA A 293 -8.58 4.62 13.76
C ALA A 293 -7.07 4.50 13.87
N ASN A 294 -6.59 3.43 14.50
CA ASN A 294 -5.16 3.25 14.70
C ASN A 294 -4.60 2.29 13.67
N PRO A 295 -3.31 2.44 13.30
CA PRO A 295 -2.76 1.62 12.22
C PRO A 295 -2.51 0.15 12.58
N PHE A 296 -2.36 -0.19 13.87
CA PHE A 296 -2.32 -1.61 14.18
C PHE A 296 -3.59 -2.26 13.65
N CYS A 297 -4.75 -1.67 13.93
CA CYS A 297 -6.00 -2.25 13.50
C CYS A 297 -6.23 -2.03 12.01
N GLY A 298 -5.88 -0.85 11.48
CA GLY A 298 -6.11 -0.61 10.07
C GLY A 298 -5.26 -1.46 9.14
N PHE A 299 -3.97 -1.62 9.44
CA PHE A 299 -3.13 -2.49 8.64
C PHE A 299 -3.68 -3.90 8.73
N THR A 300 -4.02 -4.36 9.94
CA THR A 300 -4.54 -5.72 10.12
C THR A 300 -5.84 -5.91 9.32
N GLY A 301 -6.74 -4.95 9.44
CA GLY A 301 -8.07 -5.01 8.83
C GLY A 301 -8.13 -4.90 7.32
N TRP A 302 -7.16 -4.21 6.72
CA TRP A 302 -7.11 -4.05 5.27
C TRP A 302 -6.08 -4.97 4.64
N SER A 303 -5.45 -5.84 5.43
CA SER A 303 -4.38 -6.68 4.92
C SER A 303 -4.77 -7.63 3.79
N HIS A 304 -6.04 -8.03 3.77
CA HIS A 304 -6.54 -8.89 2.67
C HIS A 304 -6.45 -8.19 1.30
N ARG A 305 -6.30 -6.85 1.30
CA ARG A 305 -6.14 -6.06 0.08
C ARG A 305 -4.69 -5.68 -0.25
N ASN A 306 -3.73 -6.20 0.52
CA ASN A 306 -2.34 -5.81 0.29
C ASN A 306 -1.61 -6.75 -0.66
N GLY A 307 -0.37 -6.43 -0.97
CA GLY A 307 0.52 -7.30 -1.75
C GLY A 307 0.72 -6.91 -3.20
N ARG A 308 1.55 -7.67 -3.88
CA ARG A 308 1.98 -7.29 -5.21
C ARG A 308 0.81 -7.18 -6.17
N GLY A 309 0.66 -5.99 -6.74
CA GLY A 309 -0.38 -5.65 -7.70
C GLY A 309 -1.73 -5.29 -7.12
N GLN A 310 -1.88 -5.37 -5.79
CA GLN A 310 -3.11 -4.97 -5.10
C GLN A 310 -2.88 -3.54 -4.54
N LEU A 311 -3.02 -3.32 -3.24
CA LEU A 311 -2.77 -2.00 -2.68
C LEU A 311 -1.59 -2.04 -1.71
N ILE A 312 -0.85 -0.94 -1.66
CA ILE A 312 0.06 -0.66 -0.56
C ILE A 312 -0.72 0.06 0.56
N LEU A 313 -0.68 -0.47 1.76
CA LEU A 313 -1.36 0.14 2.90
C LEU A 313 -0.50 1.23 3.52
N ASP A 314 -1.13 2.37 3.76
CA ASP A 314 -0.46 3.59 4.19
C ASP A 314 -0.81 3.90 5.63
N GLY A 315 0.18 3.77 6.52
CA GLY A 315 0.01 4.10 7.94
C GLY A 315 0.32 5.52 8.30
N ASP A 316 0.41 6.41 7.31
CA ASP A 316 0.55 7.85 7.50
C ASP A 316 1.96 8.24 7.90
N PHE A 317 2.13 9.15 8.86
CA PHE A 317 3.41 9.77 9.11
C PHE A 317 4.00 9.32 10.43
N MET A 318 5.31 9.08 10.40
CA MET A 318 6.08 8.76 11.60
C MET A 318 6.57 10.06 12.24
N ARG A 319 6.21 10.25 13.51
CA ARG A 319 6.57 11.45 14.27
C ARG A 319 7.39 10.96 15.49
N ALA A 320 8.66 10.66 15.23
CA ALA A 320 9.45 9.91 16.25
C ALA A 320 9.50 10.60 17.59
N SER A 321 9.66 11.92 17.57
CA SER A 321 9.81 12.72 18.80
CA SER A 321 9.86 12.60 18.84
C SER A 321 8.54 12.80 19.63
N THR A 322 7.41 12.39 19.05
CA THR A 322 6.14 12.42 19.79
C THR A 322 5.91 11.22 20.70
N PHE A 323 6.73 10.19 20.57
CA PHE A 323 6.64 9.00 21.40
C PHE A 323 7.41 9.18 22.71
N ALA A 324 7.14 8.29 23.65
CA ALA A 324 7.58 8.44 25.05
C ALA A 324 8.89 7.73 25.31
N SER A 325 9.30 6.83 24.43
CA SER A 325 10.50 6.06 24.64
C SER A 325 11.06 5.58 23.32
N ASP A 326 12.31 5.16 23.35
CA ASP A 326 12.94 4.55 22.21
C ASP A 326 12.33 3.21 21.84
N GLU A 327 11.84 2.45 22.81
CA GLU A 327 11.13 1.23 22.45
C GLU A 327 9.87 1.54 21.65
N GLU A 328 9.12 2.55 22.01
CA GLU A 328 7.96 2.92 21.21
C GLU A 328 8.36 3.37 19.78
N ARG A 329 9.46 4.13 19.68
CA ARG A 329 9.93 4.58 18.37
C ARG A 329 10.27 3.38 17.50
N LYS A 330 10.95 2.38 18.04
CA LYS A 330 11.25 1.20 17.27
C LYS A 330 9.97 0.47 16.85
N THR A 331 9.00 0.40 17.74
CA THR A 331 7.70 -0.21 17.39
C THR A 331 6.96 0.49 16.25
N MET A 332 6.95 1.81 16.29
CA MET A 332 6.40 2.61 15.19
C MET A 332 7.01 2.18 13.86
N MET A 333 8.35 2.20 13.81
CA MET A 333 9.05 1.89 12.56
C MET A 333 8.80 0.44 12.16
N ASN A 334 8.86 -0.47 13.13
CA ASN A 334 8.70 -1.89 12.82
C ASN A 334 7.30 -2.21 12.26
N LEU A 335 6.28 -1.53 12.74
CA LEU A 335 4.93 -1.75 12.21
C LEU A 335 4.83 -1.30 10.76
N MET A 336 5.36 -0.12 10.45
CA MET A 336 5.29 0.38 9.07
C MET A 336 6.02 -0.58 8.13
N VAL A 337 7.20 -1.02 8.55
CA VAL A 337 7.98 -1.92 7.72
C VAL A 337 7.27 -3.29 7.59
N ALA A 338 6.79 -3.85 8.68
CA ALA A 338 6.10 -5.13 8.64
C ALA A 338 4.96 -5.11 7.64
N ALA A 339 4.23 -4.00 7.58
CA ALA A 339 3.04 -3.93 6.75
C ALA A 339 3.32 -3.52 5.30
N GLY A 340 4.58 -3.23 4.96
CA GLY A 340 4.91 -2.78 3.61
C GLY A 340 4.51 -1.36 3.31
N SER A 341 4.27 -0.58 4.35
CA SER A 341 3.80 0.78 4.19
C SER A 341 4.88 1.69 3.65
N PRO A 342 4.47 2.82 3.07
CA PRO A 342 5.43 3.94 2.98
C PRO A 342 6.11 4.22 4.32
N LEU A 343 7.35 4.67 4.24
CA LEU A 343 8.13 5.06 5.41
C LEU A 343 8.25 6.55 5.31
N ALA A 344 7.34 7.28 5.95
CA ALA A 344 7.16 8.71 5.81
C ALA A 344 7.56 9.41 7.10
N ILE A 345 8.73 10.02 7.06
CA ILE A 345 9.22 10.79 8.21
C ILE A 345 8.53 12.14 8.22
N ALA A 346 7.97 12.54 9.37
CA ALA A 346 7.42 13.88 9.56
C ALA A 346 8.19 14.70 10.59
N ASP A 347 9.12 14.13 11.33
CA ASP A 347 9.99 14.97 12.16
C ASP A 347 10.65 16.02 11.28
N THR A 348 10.62 17.26 11.74
CA THR A 348 11.40 18.33 11.12
C THR A 348 12.83 18.31 11.66
N TYR A 349 13.69 19.16 11.10
CA TYR A 349 15.08 19.28 11.55
C TYR A 349 15.12 19.74 13.00
N GLN A 350 14.12 20.49 13.47
CA GLN A 350 14.08 20.90 14.88
C GLN A 350 13.59 19.79 15.80
N GLN A 351 12.74 18.91 15.31
CA GLN A 351 12.12 17.89 16.14
C GLN A 351 12.93 16.63 16.25
N ILE A 352 13.77 16.37 15.25
CA ILE A 352 14.42 15.06 15.14
C ILE A 352 15.27 14.72 16.39
N GLY A 353 15.90 15.73 16.98
CA GLY A 353 16.69 15.48 18.21
C GLY A 353 17.71 14.39 17.97
N ASN A 354 17.76 13.40 18.87
CA ASN A 354 18.68 12.26 18.70
C ASN A 354 17.96 11.06 18.10
N ASN A 355 16.93 11.26 17.26
CA ASN A 355 16.12 10.11 16.80
C ASN A 355 16.33 9.69 15.37
N ALA A 356 17.31 10.24 14.66
CA ALA A 356 17.58 9.79 13.29
C ALA A 356 17.76 8.29 13.15
N TRP A 357 18.39 7.70 14.16
CA TRP A 357 18.64 6.26 14.16
C TRP A 357 17.38 5.39 13.90
N VAL A 358 16.21 5.87 14.30
CA VAL A 358 14.93 5.12 14.16
C VAL A 358 14.73 4.71 12.70
N TYR A 359 15.13 5.63 11.83
CA TYR A 359 14.79 5.58 10.42
C TYR A 359 15.92 4.97 9.57
N THR A 360 17.09 4.80 10.15
CA THR A 360 18.30 4.51 9.38
C THR A 360 18.99 3.18 9.76
N ASN A 361 18.25 2.24 10.33
CA ASN A 361 18.78 0.89 10.52
C ASN A 361 18.77 0.16 9.18
N LYS A 362 19.96 -0.06 8.64
CA LYS A 362 20.10 -0.60 7.29
C LYS A 362 19.43 -1.97 7.14
N GLU A 363 19.45 -2.80 8.18
CA GLU A 363 18.86 -4.12 8.08
C GLU A 363 17.33 -4.08 8.06
N VAL A 364 16.76 -3.18 8.85
CA VAL A 364 15.31 -2.96 8.84
C VAL A 364 14.90 -2.36 7.50
N LEU A 365 15.66 -1.37 7.03
CA LEU A 365 15.40 -0.79 5.71
C LEU A 365 15.48 -1.85 4.61
N GLN A 366 16.41 -2.79 4.74
CA GLN A 366 16.59 -3.77 3.69
C GLN A 366 15.30 -4.55 3.47
N LEU A 367 14.50 -4.78 4.52
CA LEU A 367 13.21 -5.45 4.34
C LEU A 367 12.30 -4.64 3.40
N ASN A 368 12.27 -3.34 3.61
CA ASN A 368 11.54 -2.45 2.71
C ASN A 368 12.09 -2.44 1.28
N ALA A 369 13.41 -2.36 1.15
CA ALA A 369 14.04 -2.41 -0.19
C ALA A 369 13.73 -3.69 -0.90
N ASP A 370 13.74 -4.80 -0.17
CA ASP A 370 13.50 -6.13 -0.78
C ASP A 370 12.01 -6.36 -1.09
N GLY A 371 11.13 -5.50 -0.61
CA GLY A 371 9.69 -5.58 -0.93
C GLY A 371 8.86 -6.42 0.00
N LEU A 372 9.19 -6.35 1.31
CA LEU A 372 8.38 -7.01 2.29
C LEU A 372 7.00 -6.36 2.39
N VAL A 373 5.99 -7.20 2.24
CA VAL A 373 4.60 -6.83 2.55
C VAL A 373 4.04 -7.94 3.44
N GLY A 374 3.99 -7.69 4.75
CA GLY A 374 3.51 -8.69 5.71
C GLY A 374 2.01 -8.73 5.78
N LYS A 375 1.53 -9.85 6.28
CA LYS A 375 0.17 -10.00 6.75
C LYS A 375 0.21 -10.29 8.25
N PRO A 376 -0.84 -9.86 8.96
CA PRO A 376 -1.02 -10.32 10.34
C PRO A 376 -1.26 -11.83 10.30
N LEU A 377 -1.00 -12.54 11.38
CA LEU A 377 -1.36 -13.95 11.37
C LEU A 377 -2.89 -14.10 11.27
N TYR A 378 -3.37 -14.76 10.23
CA TYR A 378 -4.80 -15.01 10.10
C TYR A 378 -5.22 -16.14 11.04
N ARG A 379 -6.32 -15.92 11.74
CA ARG A 379 -6.88 -16.83 12.74
C ARG A 379 -8.23 -17.40 12.26
N SER A 380 -8.92 -16.71 11.37
CA SER A 380 -10.14 -17.23 10.74
C SER A 380 -10.42 -16.49 9.45
N ALA A 381 -11.44 -16.93 8.71
CA ALA A 381 -11.82 -16.31 7.44
C ALA A 381 -12.69 -15.08 7.59
N THR A 382 -13.25 -14.86 8.76
CA THR A 382 -14.22 -13.77 9.00
C THR A 382 -13.52 -12.43 8.78
N PRO A 383 -14.14 -11.54 8.02
CA PRO A 383 -13.56 -10.20 7.92
C PRO A 383 -13.26 -9.63 9.30
N PHE A 384 -12.10 -9.00 9.41
CA PHE A 384 -11.67 -8.37 10.66
C PHE A 384 -12.65 -7.28 11.09
N SER A 385 -13.28 -6.63 10.12
CA SER A 385 -14.33 -5.65 10.41
C SER A 385 -15.51 -6.23 11.19
N LYS A 386 -15.76 -7.52 11.08
CA LYS A 386 -16.84 -8.19 11.79
C LYS A 386 -16.40 -8.92 13.03
N ASP A 387 -15.16 -9.38 13.06
CA ASP A 387 -14.65 -10.13 14.19
C ASP A 387 -13.17 -9.79 14.37
N PRO A 388 -12.83 -8.99 15.40
CA PRO A 388 -11.43 -8.68 15.65
C PRO A 388 -10.57 -9.88 16.03
N GLY A 389 -11.17 -11.01 16.35
CA GLY A 389 -10.40 -12.22 16.59
C GLY A 389 -9.84 -12.89 15.36
N SER A 390 -10.28 -12.45 14.16
CA SER A 390 -9.97 -13.21 12.96
C SER A 390 -8.55 -13.05 12.47
N ARG A 391 -7.83 -12.03 12.99
CA ARG A 391 -6.46 -11.74 12.61
C ARG A 391 -5.74 -11.18 13.83
N ASP A 392 -4.43 -11.44 13.89
CA ASP A 392 -3.63 -11.04 15.06
C ASP A 392 -2.84 -9.77 14.74
N THR A 393 -3.25 -8.67 15.37
CA THR A 393 -2.60 -7.38 15.16
C THR A 393 -1.13 -7.36 15.63
N GLU A 394 -0.72 -8.32 16.47
CA GLU A 394 0.56 -8.28 17.14
C GLU A 394 1.62 -9.23 16.59
N ARG A 395 1.28 -10.03 15.58
CA ARG A 395 2.23 -10.94 14.96
C ARG A 395 2.09 -10.88 13.45
N TRP A 396 3.17 -10.50 12.78
CA TRP A 396 3.19 -10.22 11.34
C TRP A 396 4.29 -11.00 10.64
N ALA A 397 4.00 -11.46 9.43
CA ALA A 397 5.06 -12.06 8.60
C ALA A 397 4.78 -11.83 7.14
N GLY A 398 5.85 -11.67 6.38
CA GLY A 398 5.75 -11.63 4.95
C GLY A 398 6.98 -12.23 4.32
N GLN A 399 6.82 -12.66 3.06
CA GLN A 399 7.90 -13.33 2.34
C GLN A 399 8.46 -12.46 1.28
N LEU A 400 9.78 -12.49 1.15
CA LEU A 400 10.47 -11.78 0.12
C LEU A 400 10.57 -12.65 -1.14
N PRO A 401 10.83 -11.99 -2.28
CA PRO A 401 10.95 -12.75 -3.54
C PRO A 401 11.99 -13.87 -3.50
N ASP A 402 13.09 -13.68 -2.77
CA ASP A 402 14.10 -14.75 -2.66
C ASP A 402 13.75 -15.89 -1.70
N GLY A 403 12.54 -15.86 -1.12
CA GLY A 403 12.07 -16.89 -0.25
C GLY A 403 12.31 -16.66 1.25
N SER A 404 13.15 -15.68 1.58
CA SER A 404 13.34 -15.30 2.98
C SER A 404 12.10 -14.56 3.48
N TRP A 405 12.08 -14.28 4.78
CA TRP A 405 10.92 -13.66 5.42
C TRP A 405 11.32 -12.52 6.34
N GLY A 406 10.40 -11.59 6.48
CA GLY A 406 10.40 -10.65 7.58
C GLY A 406 9.34 -11.07 8.58
N VAL A 407 9.70 -11.18 9.87
CA VAL A 407 8.78 -11.56 10.92
C VAL A 407 8.84 -10.49 12.01
N ALA A 408 7.68 -9.95 12.41
CA ALA A 408 7.62 -8.88 13.44
C ALA A 408 6.64 -9.23 14.53
N LEU A 409 7.07 -9.01 15.77
CA LEU A 409 6.32 -9.37 16.95
C LEU A 409 6.14 -8.10 17.80
N PHE A 410 4.91 -7.89 18.31
CA PHE A 410 4.55 -6.65 18.98
C PHE A 410 3.87 -6.95 20.29
N ASN A 411 4.07 -6.07 21.28
CA ASN A 411 3.31 -6.10 22.54
C ASN A 411 2.61 -4.79 22.79
N ARG A 412 1.31 -4.79 22.51
CA ARG A 412 0.48 -3.61 22.67
C ARG A 412 -0.07 -3.42 24.09
N SER A 413 0.23 -4.32 25.03
CA SER A 413 -0.15 -4.08 26.41
C SER A 413 0.54 -2.82 26.92
N ASP A 414 -0.17 -2.03 27.75
CA ASP A 414 0.47 -0.88 28.38
CA ASP A 414 0.41 -0.86 28.44
C ASP A 414 1.24 -1.25 29.66
N THR A 415 1.03 -2.45 30.17
CA THR A 415 1.58 -2.78 31.50
C THR A 415 2.34 -4.11 31.59
N GLU A 416 1.89 -5.12 30.86
CA GLU A 416 2.44 -6.44 31.04
C GLU A 416 3.51 -6.76 30.02
N THR A 417 4.48 -7.55 30.45
CA THR A 417 5.43 -8.17 29.54
C THR A 417 4.79 -9.43 28.96
N VAL A 418 4.83 -9.59 27.64
CA VAL A 418 4.09 -10.65 26.97
C VAL A 418 4.99 -11.34 25.94
N THR A 419 4.94 -12.66 25.93
CA THR A 419 5.68 -13.45 24.98
C THR A 419 4.88 -13.59 23.69
N LYS A 420 5.53 -13.33 22.57
CA LYS A 420 4.96 -13.53 21.24
C LYS A 420 5.86 -14.44 20.45
N THR A 421 5.24 -15.32 19.65
CA THR A 421 5.99 -16.35 18.91
C THR A 421 5.34 -16.58 17.55
N ILE A 422 6.20 -16.75 16.54
CA ILE A 422 5.79 -17.24 15.24
C ILE A 422 6.57 -18.53 14.97
N ASP A 423 5.82 -19.60 14.74
CA ASP A 423 6.39 -20.91 14.48
C ASP A 423 6.44 -21.15 12.98
N PHE A 424 7.60 -21.53 12.47
CA PHE A 424 7.82 -21.56 11.03
C PHE A 424 7.02 -22.65 10.33
N ALA A 425 6.72 -23.73 11.05
CA ALA A 425 5.87 -24.80 10.52
C ALA A 425 4.40 -24.50 10.75
N LYS A 426 4.01 -24.30 12.01
CA LYS A 426 2.61 -24.20 12.36
C LYS A 426 1.95 -22.91 11.91
N ASP A 427 2.70 -21.82 11.93
CA ASP A 427 2.16 -20.53 11.52
C ASP A 427 2.48 -20.21 10.07
N LEU A 428 3.76 -20.29 9.66
CA LEU A 428 4.15 -19.93 8.29
C LEU A 428 3.91 -21.03 7.25
N GLY A 429 3.94 -22.30 7.68
CA GLY A 429 3.67 -23.42 6.76
C GLY A 429 4.89 -23.90 6.03
N LEU A 430 6.06 -23.78 6.66
CA LEU A 430 7.32 -24.22 6.08
C LEU A 430 7.74 -25.56 6.66
N ALA A 431 8.54 -26.31 5.89
CA ALA A 431 9.02 -27.62 6.30
C ALA A 431 10.50 -27.57 6.75
N THR A 432 11.13 -26.41 6.62
CA THR A 432 12.59 -26.23 6.64
C THR A 432 13.21 -25.56 7.86
N GLY A 433 12.40 -24.88 8.67
CA GLY A 433 12.99 -23.92 9.64
C GLY A 433 13.71 -22.82 8.90
N GLY A 434 14.55 -22.05 9.61
CA GLY A 434 15.32 -21.02 8.98
C GLY A 434 16.31 -20.36 9.91
N ASN A 435 17.33 -19.75 9.31
CA ASN A 435 18.27 -18.92 10.06
C ASN A 435 17.50 -17.68 10.52
N VAL A 436 17.71 -17.29 11.77
CA VAL A 436 16.97 -16.13 12.35
C VAL A 436 17.96 -15.06 12.74
N ARG A 437 17.74 -13.84 12.27
CA ARG A 437 18.57 -12.71 12.64
C ARG A 437 17.66 -11.62 13.25
N ASP A 438 18.01 -11.18 14.46
CA ASP A 438 17.34 -10.05 15.15
C ASP A 438 17.93 -8.75 14.59
N LEU A 439 17.08 -7.93 13.95
CA LEU A 439 17.56 -6.81 13.17
C LEU A 439 17.82 -5.53 13.96
N TRP A 440 17.41 -5.51 15.22
CA TRP A 440 17.79 -4.37 16.11
C TRP A 440 18.98 -4.73 16.99
N GLU A 441 19.10 -6.00 17.39
CA GLU A 441 20.33 -6.47 18.04
C GLU A 441 21.45 -6.64 17.03
N HIS A 442 21.11 -6.76 15.74
CA HIS A 442 22.08 -7.09 14.70
C HIS A 442 22.81 -8.39 15.11
N ARG A 443 22.04 -9.44 15.35
CA ARG A 443 22.55 -10.67 15.97
C ARG A 443 21.99 -11.88 15.24
N ASN A 444 22.88 -12.80 14.86
CA ASN A 444 22.49 -14.06 14.27
C ASN A 444 22.14 -14.99 15.41
N LEU A 445 20.91 -15.51 15.41
CA LEU A 445 20.46 -16.45 16.43
C LEU A 445 20.58 -17.89 15.94
N GLY A 446 21.02 -18.06 14.70
CA GLY A 446 21.24 -19.39 14.13
C GLY A 446 19.97 -20.02 13.58
N MET A 447 20.06 -21.29 13.25
CA MET A 447 18.97 -22.07 12.69
C MET A 447 17.94 -22.35 13.76
N ASP A 448 16.67 -22.07 13.48
CA ASP A 448 15.62 -22.29 14.46
C ASP A 448 14.34 -22.69 13.74
N SER A 449 13.38 -23.11 14.56
CA SER A 449 12.04 -23.52 14.14
C SER A 449 11.00 -22.46 14.39
N ARG A 450 11.39 -21.37 15.06
CA ARG A 450 10.45 -20.38 15.53
C ARG A 450 11.23 -19.09 15.81
N ALA A 451 10.51 -17.98 15.80
CA ALA A 451 11.01 -16.69 16.28
C ALA A 451 10.13 -16.28 17.46
N THR A 452 10.78 -15.83 18.54
CA THR A 452 10.05 -15.53 19.78
C THR A 452 10.70 -14.37 20.50
N ALA A 453 9.90 -13.66 21.29
CA ALA A 453 10.41 -12.58 22.12
C ALA A 453 9.51 -12.36 23.31
N ALA A 454 10.13 -12.08 24.45
CA ALA A 454 9.43 -11.68 25.65
C ALA A 454 9.52 -10.17 25.67
N LEU A 455 8.41 -9.53 25.31
CA LEU A 455 8.41 -8.13 25.00
C LEU A 455 7.85 -7.27 26.12
N ALA A 456 8.60 -6.24 26.47
CA ALA A 456 8.13 -5.24 27.38
C ALA A 456 6.91 -4.51 26.78
N PRO A 457 6.12 -3.87 27.64
CA PRO A 457 5.00 -3.09 27.14
C PRO A 457 5.40 -2.10 26.05
N HIS A 458 4.69 -2.15 24.94
CA HIS A 458 4.88 -1.29 23.75
C HIS A 458 6.15 -1.66 22.96
N ALA A 459 6.88 -2.71 23.33
CA ALA A 459 8.09 -3.08 22.61
C ALA A 459 7.78 -4.08 21.50
N SER A 460 8.76 -4.27 20.63
CA SER A 460 8.60 -5.16 19.50
C SER A 460 9.95 -5.74 19.11
N ALA A 461 9.92 -6.70 18.20
CA ALA A 461 11.11 -7.30 17.64
C ALA A 461 10.86 -7.62 16.18
N ILE A 462 11.89 -7.50 15.36
CA ILE A 462 11.76 -7.82 13.94
C ILE A 462 12.97 -8.62 13.50
N PHE A 463 12.69 -9.62 12.68
CA PHE A 463 13.67 -10.66 12.32
C PHE A 463 13.69 -10.85 10.81
N ARG A 464 14.88 -11.12 10.27
CA ARG A 464 15.01 -11.74 8.95
C ARG A 464 15.13 -13.23 9.19
N VAL A 465 14.24 -14.01 8.56
CA VAL A 465 14.26 -15.46 8.65
C VAL A 465 14.58 -16.03 7.25
N THR A 466 15.64 -16.83 7.21
CA THR A 466 16.16 -17.33 5.94
C THR A 466 16.16 -18.86 5.94
N PRO A 467 15.14 -19.48 5.34
CA PRO A 467 15.09 -20.93 5.17
C PRO A 467 16.31 -21.41 4.37
N PRO A 468 16.89 -22.54 4.79
CA PRO A 468 17.85 -23.21 3.90
C PRO A 468 17.11 -23.81 2.71
N LYS A 469 17.78 -23.92 1.57
CA LYS A 469 17.17 -24.49 0.36
C LYS A 469 17.91 -25.76 -0.07
N MET A 470 17.21 -26.90 0.01
CA MET A 470 17.71 -28.13 -0.61
C MET A 470 17.48 -28.01 -2.11
N HIS A 471 18.54 -28.25 -2.89
CA HIS A 471 18.49 -28.15 -4.37
C HIS A 471 17.68 -26.96 -4.92
N GLY A 472 17.76 -25.82 -4.24
CA GLY A 472 17.09 -24.61 -4.67
C GLY A 472 15.60 -24.55 -4.39
N THR A 473 15.06 -25.52 -3.66
CA THR A 473 13.62 -25.59 -3.42
C THR A 473 13.16 -24.44 -2.52
N THR A 474 12.29 -23.60 -3.05
CA THR A 474 11.75 -22.45 -2.32
C THR A 474 10.23 -22.59 -2.23
N ARG A 475 9.71 -22.64 -1.00
CA ARG A 475 8.26 -22.70 -0.77
C ARG A 475 7.67 -21.31 -0.45
N TYR A 476 6.58 -20.98 -1.15
CA TYR A 476 5.78 -19.77 -0.95
C TYR A 476 4.37 -20.14 -0.49
N PRO A 477 4.07 -19.98 0.82
CA PRO A 477 2.74 -20.22 1.33
C PRO A 477 1.70 -19.25 0.78
N ALA A 478 0.55 -19.76 0.32
CA ALA A 478 -0.45 -18.91 -0.31
C ALA A 478 -1.12 -17.98 0.71
N ALA A 479 -1.19 -18.42 1.96
CA ALA A 479 -1.87 -17.64 3.02
C ALA A 479 -1.12 -16.35 3.37
N PHE A 480 0.14 -16.25 2.95
CA PHE A 480 0.92 -15.02 3.15
C PHE A 480 1.20 -14.24 1.87
N ALA A 481 0.64 -14.69 0.74
CA ALA A 481 0.79 -14.03 -0.53
C ALA A 481 -0.29 -12.97 -0.75
N ALA A 482 -0.36 -12.44 -1.98
CA ALA A 482 -1.33 -11.43 -2.36
C ALA A 482 -2.57 -12.09 -2.92
N TRP A 483 -3.73 -11.64 -2.49
CA TRP A 483 -5.04 -12.16 -2.91
C TRP A 483 -5.81 -11.11 -3.67
N GLY A 484 -6.47 -11.51 -4.76
CA GLY A 484 -7.36 -10.62 -5.49
C GLY A 484 -8.62 -11.31 -6.01
N GLY A 485 -9.61 -10.49 -6.37
CA GLY A 485 -10.81 -10.98 -7.05
C GLY A 485 -11.73 -11.88 -6.28
N GLY A 486 -11.56 -11.95 -4.96
CA GLY A 486 -12.39 -12.79 -4.10
C GLY A 486 -11.62 -13.94 -3.48
N ALA A 487 -10.41 -14.22 -3.95
CA ALA A 487 -9.56 -15.18 -3.22
C ALA A 487 -9.35 -14.70 -1.79
N GLY A 488 -9.25 -15.65 -0.85
CA GLY A 488 -9.04 -15.27 0.54
C GLY A 488 -8.62 -16.41 1.42
N PHE A 489 -8.42 -16.11 2.69
CA PHE A 489 -7.94 -17.09 3.64
C PHE A 489 -9.00 -18.04 4.14
N ASN A 490 -8.66 -19.32 4.27
CA ASN A 490 -9.50 -20.17 5.10
C ASN A 490 -8.67 -21.26 5.76
N TYR A 491 -9.33 -22.04 6.62
CA TYR A 491 -8.68 -23.09 7.38
C TYR A 491 -9.65 -24.21 7.70
N ASN A 492 -10.71 -24.30 6.91
CA ASN A 492 -11.86 -25.11 7.29
C ASN A 492 -11.86 -26.53 6.73
N HIS A 493 -10.73 -26.94 6.15
CA HIS A 493 -10.50 -28.34 5.78
C HIS A 493 -9.12 -28.75 6.29
N PRO A 494 -9.05 -29.77 7.18
CA PRO A 494 -7.70 -30.08 7.70
C PRO A 494 -6.68 -30.62 6.68
N GLY A 495 -5.40 -30.64 7.07
CA GLY A 495 -4.32 -31.21 6.24
C GLY A 495 -3.43 -30.19 5.55
N TYR A 496 -3.83 -28.93 5.60
CA TYR A 496 -2.99 -27.85 5.09
C TYR A 496 -1.70 -27.74 5.93
N ASP A 497 -0.62 -27.37 5.27
CA ASP A 497 0.62 -26.90 5.90
C ASP A 497 0.43 -25.45 6.37
N GLY A 498 0.93 -25.13 7.55
CA GLY A 498 0.80 -23.77 8.07
C GLY A 498 -0.52 -23.45 8.75
N ASN A 499 -0.91 -22.18 8.70
CA ASN A 499 -2.08 -21.68 9.44
C ASN A 499 -3.39 -21.82 8.63
N GLY A 500 -3.27 -22.14 7.35
CA GLY A 500 -4.43 -22.24 6.46
C GLY A 500 -4.04 -22.30 5.00
N PHE A 501 -4.94 -21.82 4.15
CA PHE A 501 -4.79 -21.89 2.72
C PHE A 501 -5.63 -20.81 2.07
N VAL A 502 -5.59 -20.75 0.75
CA VAL A 502 -6.44 -19.81 0.02
C VAL A 502 -7.63 -20.52 -0.62
N ASP A 503 -8.82 -20.02 -0.36
CA ASP A 503 -10.04 -20.50 -1.04
C ASP A 503 -10.63 -19.37 -1.86
N GLY A 504 -11.87 -19.58 -2.33
CA GLY A 504 -12.51 -18.65 -3.21
C GLY A 504 -11.99 -18.72 -4.64
N LEU A 505 -11.25 -19.77 -4.98
CA LEU A 505 -10.69 -19.92 -6.31
C LEU A 505 -11.69 -20.77 -7.11
N GLN A 506 -12.74 -20.10 -7.57
CA GLN A 506 -13.81 -20.72 -8.36
C GLN A 506 -14.36 -19.62 -9.28
N ALA A 507 -15.45 -19.87 -9.99
CA ALA A 507 -16.00 -18.83 -10.84
C ALA A 507 -16.21 -17.55 -10.03
N GLY A 508 -15.70 -16.43 -10.53
CA GLY A 508 -15.85 -15.13 -9.86
C GLY A 508 -17.28 -14.72 -9.55
N SER A 509 -17.49 -14.06 -8.42
CA SER A 509 -18.82 -13.60 -8.03
C SER A 509 -19.31 -12.40 -8.85
N GLY A 510 -18.38 -11.66 -9.46
CA GLY A 510 -18.73 -10.49 -10.28
C GLY A 510 -17.89 -10.37 -11.54
N SER A 511 -17.19 -9.25 -11.67
CA SER A 511 -16.44 -8.93 -12.89
C SER A 511 -14.94 -9.24 -12.80
N ALA A 512 -14.50 -9.78 -11.67
CA ALA A 512 -13.08 -10.12 -11.50
C ALA A 512 -12.91 -11.64 -11.31
N ASP A 513 -11.75 -12.11 -11.68
CA ASP A 513 -11.37 -13.49 -11.48
C ASP A 513 -10.54 -13.63 -10.19
N PRO A 514 -10.91 -14.55 -9.32
CA PRO A 514 -10.08 -14.73 -8.11
C PRO A 514 -8.67 -15.18 -8.44
N LEU A 515 -7.69 -14.66 -7.70
CA LEU A 515 -6.31 -14.96 -7.99
C LEU A 515 -5.43 -14.82 -6.76
N VAL A 516 -4.23 -15.39 -6.89
CA VAL A 516 -3.14 -15.26 -5.91
C VAL A 516 -1.88 -14.89 -6.66
N THR A 517 -1.14 -13.93 -6.13
CA THR A 517 0.10 -13.48 -6.74
C THR A 517 1.27 -13.67 -5.78
N PHE A 518 2.33 -14.25 -6.33
CA PHE A 518 3.60 -14.51 -5.64
C PHE A 518 4.69 -13.74 -6.34
N ALA A 519 5.61 -13.16 -5.56
CA ALA A 519 6.81 -12.60 -6.12
C ALA A 519 7.93 -13.59 -5.93
N VAL A 520 8.66 -13.87 -7.01
CA VAL A 520 9.73 -14.85 -6.96
C VAL A 520 10.97 -14.26 -7.62
N GLN A 521 12.12 -14.53 -7.03
CA GLN A 521 13.40 -14.05 -7.56
C GLN A 521 14.23 -15.27 -7.98
N VAL A 522 14.71 -15.26 -9.22
CA VAL A 522 15.60 -16.33 -9.76
C VAL A 522 16.84 -15.72 -10.44
N PRO A 523 17.91 -16.51 -10.60
CA PRO A 523 19.19 -15.99 -11.13
C PRO A 523 19.38 -15.73 -12.66
N HIS A 524 18.59 -16.34 -13.55
CA HIS A 524 18.78 -16.17 -15.01
C HIS A 524 17.48 -16.33 -15.82
N ARG A 525 17.43 -15.80 -17.04
CA ARG A 525 16.28 -16.01 -17.92
C ARG A 525 16.18 -17.48 -18.34
N GLY A 526 14.98 -18.06 -18.24
CA GLY A 526 14.79 -19.47 -18.64
C GLY A 526 13.64 -20.22 -18.00
N SER A 527 13.73 -21.56 -18.04
CA SER A 527 12.69 -22.49 -17.56
C SER A 527 13.01 -23.04 -16.18
N TYR A 528 12.00 -23.10 -15.30
CA TYR A 528 12.17 -23.62 -13.93
C TYR A 528 11.02 -24.57 -13.53
N ALA A 529 11.30 -25.52 -12.64
CA ALA A 529 10.32 -26.50 -12.13
C ALA A 529 9.41 -26.01 -10.97
N ILE A 530 8.10 -26.03 -11.17
CA ILE A 530 7.14 -25.53 -10.18
C ILE A 530 6.19 -26.62 -9.66
N ARG A 531 5.81 -26.53 -8.39
CA ARG A 531 4.83 -27.41 -7.77
C ARG A 531 3.72 -26.61 -7.09
N TYR A 532 2.51 -27.17 -7.06
CA TYR A 532 1.32 -26.52 -6.48
C TYR A 532 0.64 -27.49 -5.52
N ARG A 533 0.64 -27.20 -4.21
CA ARG A 533 -0.10 -28.03 -3.27
C ARG A 533 -1.52 -27.50 -3.17
N TYR A 534 -2.49 -28.37 -3.42
CA TYR A 534 -3.86 -27.97 -3.66
C TYR A 534 -4.86 -29.01 -3.12
N ALA A 535 -6.10 -28.59 -2.95
CA ALA A 535 -7.24 -29.49 -2.74
C ALA A 535 -8.27 -29.24 -3.88
N ASN A 536 -8.97 -30.30 -4.27
CA ASN A 536 -10.04 -30.22 -5.29
C ASN A 536 -10.93 -31.45 -5.19
N ALA A 537 -12.07 -31.29 -4.54
CA ALA A 537 -13.07 -32.35 -4.42
C ALA A 537 -14.32 -31.94 -5.16
N THR A 538 -14.16 -31.33 -6.33
CA THR A 538 -15.30 -30.97 -7.17
C THR A 538 -15.91 -32.18 -7.88
N GLY A 539 -15.19 -33.29 -7.91
CA GLY A 539 -15.64 -34.50 -8.62
C GLY A 539 -15.07 -34.63 -10.02
N ASP A 540 -14.17 -33.72 -10.40
CA ASP A 540 -13.59 -33.70 -11.73
C ASP A 540 -12.31 -32.87 -11.72
N THR A 541 -11.49 -33.01 -12.75
CA THR A 541 -10.31 -32.17 -12.92
C THR A 541 -10.73 -30.70 -12.88
N SER A 542 -9.98 -29.90 -12.15
CA SER A 542 -10.15 -28.45 -12.16
C SER A 542 -8.97 -27.82 -12.89
N THR A 543 -9.13 -26.59 -13.37
CA THR A 543 -8.01 -25.90 -13.98
C THR A 543 -7.87 -24.50 -13.38
N MET A 544 -6.65 -24.00 -13.41
CA MET A 544 -6.37 -22.59 -13.09
C MET A 544 -5.48 -22.00 -14.16
N THR A 545 -5.62 -20.69 -14.37
CA THR A 545 -4.76 -19.99 -15.31
C THR A 545 -3.53 -19.47 -14.57
N VAL A 546 -2.34 -19.75 -15.11
CA VAL A 546 -1.06 -19.40 -14.49
C VAL A 546 -0.25 -18.54 -15.44
N THR A 547 0.23 -17.39 -14.95
CA THR A 547 1.14 -16.56 -15.69
C THR A 547 2.41 -16.25 -14.88
N ALA A 548 3.45 -15.89 -15.61
CA ALA A 548 4.60 -15.18 -15.06
C ALA A 548 4.81 -13.89 -15.85
N GLU A 549 5.14 -12.80 -15.12
CA GLU A 549 5.29 -11.49 -15.69
C GLU A 549 6.43 -10.74 -15.01
N LYS A 550 6.99 -9.76 -15.73
CA LYS A 550 7.92 -8.83 -15.12
CA LYS A 550 7.92 -8.83 -15.14
C LYS A 550 7.12 -7.87 -14.27
N ALA A 551 7.81 -7.05 -13.48
CA ALA A 551 7.12 -6.05 -12.65
C ALA A 551 6.28 -5.08 -13.47
N ASP A 552 6.70 -4.80 -14.71
CA ASP A 552 5.94 -3.91 -15.61
C ASP A 552 4.74 -4.58 -16.33
N ARG A 553 4.45 -5.82 -15.95
CA ARG A 553 3.33 -6.65 -16.47
C ARG A 553 3.68 -7.41 -17.76
N SER A 554 4.85 -7.18 -18.31
CA SER A 554 5.27 -7.89 -19.55
C SER A 554 5.20 -9.38 -19.31
N THR A 555 4.58 -10.13 -20.23
CA THR A 555 4.43 -11.56 -20.08
C THR A 555 5.75 -12.37 -20.24
N VAL A 556 6.09 -13.20 -19.26
CA VAL A 556 7.26 -14.13 -19.25
C VAL A 556 6.79 -15.54 -19.61
N ASP A 557 5.64 -15.93 -19.08
CA ASP A 557 5.02 -17.21 -19.40
C ASP A 557 3.51 -17.12 -19.35
N GLY A 558 2.87 -18.07 -20.04
CA GLY A 558 1.44 -18.22 -20.00
C GLY A 558 0.78 -17.12 -20.79
N PRO A 559 -0.51 -16.87 -20.56
CA PRO A 559 -1.36 -17.62 -19.64
C PRO A 559 -1.60 -19.02 -20.17
N VAL A 560 -1.53 -20.01 -19.27
CA VAL A 560 -1.87 -21.38 -19.60
C VAL A 560 -2.78 -21.95 -18.53
N HIS A 561 -3.65 -22.86 -18.94
CA HIS A 561 -4.45 -23.63 -18.01
C HIS A 561 -3.58 -24.74 -17.48
N VAL A 562 -3.41 -24.77 -16.17
CA VAL A 562 -2.73 -25.85 -15.48
C VAL A 562 -3.82 -26.73 -14.86
N SER A 563 -3.68 -28.05 -14.98
CA SER A 563 -4.75 -28.95 -14.55
C SER A 563 -4.49 -29.52 -13.18
N PHE A 564 -5.57 -29.72 -12.44
CA PHE A 564 -5.54 -30.14 -11.04
C PHE A 564 -6.53 -31.30 -10.82
N PRO A 565 -6.02 -32.54 -10.69
CA PRO A 565 -6.90 -33.72 -10.56
C PRO A 565 -7.85 -33.70 -9.37
N GLY A 566 -9.07 -34.21 -9.56
CA GLY A 566 -10.04 -34.36 -8.50
C GLY A 566 -9.55 -35.38 -7.48
N LEU A 567 -9.83 -35.10 -6.20
CA LEU A 567 -9.44 -35.94 -5.08
C LEU A 567 -10.69 -36.24 -4.26
N ALA A 568 -10.59 -37.21 -3.36
CA ALA A 568 -11.78 -37.77 -2.72
C ALA A 568 -12.57 -36.80 -1.87
N THR A 569 -11.86 -35.99 -1.09
CA THR A 569 -12.52 -35.10 -0.16
C THR A 569 -11.76 -33.77 -0.17
N TRP A 570 -12.41 -32.74 0.34
CA TRP A 570 -11.77 -31.43 0.49
C TRP A 570 -10.64 -31.44 1.52
N ASP A 571 -10.57 -32.47 2.38
CA ASP A 571 -9.45 -32.71 3.32
C ASP A 571 -8.24 -33.42 2.70
N THR A 572 -8.33 -33.81 1.43
CA THR A 572 -7.23 -34.44 0.73
C THR A 572 -6.45 -33.39 -0.05
N TRP A 573 -5.12 -33.45 0.05
CA TRP A 573 -4.22 -32.52 -0.63
C TRP A 573 -3.32 -33.26 -1.60
N GLY A 574 -3.13 -32.68 -2.78
CA GLY A 574 -2.17 -33.19 -3.74
C GLY A 574 -1.18 -32.14 -4.19
N VAL A 575 -0.20 -32.56 -4.96
CA VAL A 575 0.80 -31.69 -5.54
C VAL A 575 0.78 -31.85 -7.06
N ALA A 576 0.39 -30.79 -7.76
CA ALA A 576 0.51 -30.75 -9.21
C ALA A 576 1.89 -30.28 -9.58
N ASP A 577 2.42 -30.81 -10.68
CA ASP A 577 3.74 -30.48 -11.16
C ASP A 577 3.62 -29.66 -12.42
N GLY A 578 4.58 -28.78 -12.62
CA GLY A 578 4.65 -28.00 -13.83
C GLY A 578 6.02 -27.45 -14.13
N THR A 579 6.05 -26.71 -15.22
CA THR A 579 7.23 -26.04 -15.70
C THR A 579 6.82 -24.62 -16.00
N ILE A 580 7.60 -23.66 -15.53
CA ILE A 580 7.30 -22.27 -15.74
C ILE A 580 8.58 -21.58 -16.20
N THR A 581 8.47 -20.75 -17.23
CA THR A 581 9.61 -19.98 -17.69
C THR A 581 9.70 -18.72 -16.83
N LEU A 582 10.70 -18.66 -15.94
CA LEU A 582 11.00 -17.47 -15.09
C LEU A 582 12.29 -16.81 -15.58
N ASP A 583 12.35 -15.48 -15.48
CA ASP A 583 13.51 -14.71 -15.90
C ASP A 583 14.38 -14.41 -14.68
N ALA A 584 15.64 -14.04 -14.90
CA ALA A 584 16.53 -13.68 -13.81
C ALA A 584 15.91 -12.52 -13.05
N GLY A 585 15.94 -12.58 -11.74
CA GLY A 585 15.46 -11.49 -10.91
C GLY A 585 14.00 -11.67 -10.65
N LEU A 586 13.26 -10.57 -10.66
CA LEU A 586 11.92 -10.54 -10.10
C LEU A 586 10.86 -10.97 -11.11
N ASN A 587 10.07 -11.95 -10.72
CA ASN A 587 8.92 -12.38 -11.49
C ASN A 587 7.70 -12.36 -10.60
N LEU A 588 6.56 -11.98 -11.17
CA LEU A 588 5.28 -12.14 -10.49
C LEU A 588 4.57 -13.35 -11.07
N VAL A 589 4.35 -14.35 -10.23
CA VAL A 589 3.67 -15.58 -10.65
C VAL A 589 2.28 -15.49 -10.08
N THR A 590 1.29 -15.39 -10.96
CA THR A 590 -0.11 -15.27 -10.62
C THR A 590 -0.89 -16.50 -11.08
N ILE A 591 -1.67 -17.05 -10.17
CA ILE A 591 -2.54 -18.20 -10.40
C ILE A 591 -3.96 -17.78 -10.04
N GLY A 592 -4.91 -17.97 -10.96
CA GLY A 592 -6.28 -17.57 -10.73
C GLY A 592 -7.28 -18.34 -11.57
N ARG A 593 -8.56 -18.15 -11.25
CA ARG A 593 -9.63 -18.94 -11.85
C ARG A 593 -10.44 -18.05 -12.80
N GLY A 594 -10.18 -18.21 -14.10
CA GLY A 594 -10.90 -17.46 -15.13
C GLY A 594 -12.21 -18.08 -15.58
N ALA A 595 -12.92 -17.37 -16.43
CA ALA A 595 -14.23 -17.82 -16.92
C ALA A 595 -14.14 -19.12 -17.73
N THR A 596 -12.99 -19.34 -18.36
CA THR A 596 -12.78 -20.54 -19.16
C THR A 596 -12.09 -21.65 -18.37
N ASP A 597 -11.82 -21.39 -17.09
CA ASP A 597 -11.28 -22.45 -16.25
C ASP A 597 -12.41 -23.34 -15.76
N LYS A 598 -12.04 -24.56 -15.41
CA LYS A 598 -12.98 -25.56 -14.95
C LYS A 598 -12.86 -25.78 -13.46
N GLY A 599 -13.98 -25.84 -12.78
CA GLY A 599 -14.06 -26.25 -11.38
C GLY A 599 -13.55 -25.24 -10.36
N ALA A 600 -12.81 -25.75 -9.39
CA ALA A 600 -12.26 -24.95 -8.30
C ALA A 600 -11.12 -25.69 -7.62
N ILE A 601 -10.21 -24.95 -6.96
CA ILE A 601 -9.23 -25.55 -6.07
C ILE A 601 -9.10 -24.68 -4.84
N ASN A 602 -8.54 -25.29 -3.80
CA ASN A 602 -7.98 -24.52 -2.68
C ASN A 602 -6.47 -24.63 -2.81
N LEU A 603 -5.73 -23.54 -2.57
CA LEU A 603 -4.31 -23.53 -2.80
C LEU A 603 -3.56 -23.33 -1.49
N ASN A 604 -2.65 -24.25 -1.19
CA ASN A 604 -1.82 -24.18 0.03
C ASN A 604 -0.51 -23.46 -0.21
N TRP A 605 0.24 -23.84 -1.25
CA TRP A 605 1.51 -23.24 -1.55
C TRP A 605 1.97 -23.52 -2.95
N ILE A 606 2.93 -22.75 -3.44
CA ILE A 606 3.74 -23.14 -4.57
C ILE A 606 5.18 -23.37 -4.11
N GLU A 607 5.89 -24.21 -4.86
CA GLU A 607 7.32 -24.42 -4.67
C GLU A 607 8.03 -24.25 -5.98
N LEU A 608 9.19 -23.59 -5.94
CA LEU A 608 10.06 -23.45 -7.08
C LEU A 608 11.39 -24.09 -6.76
N ASP A 609 12.03 -24.64 -7.79
CA ASP A 609 13.42 -25.11 -7.72
C ASP A 609 14.26 -24.18 -8.57
N MET A 610 14.92 -23.23 -7.94
CA MET A 610 15.69 -22.22 -8.67
C MET A 610 17.18 -22.56 -8.67
P PO4 B . 5.26 -22.80 19.10
O1 PO4 B . 5.11 -24.30 19.36
O2 PO4 B . 4.01 -22.35 18.34
O3 PO4 B . 6.50 -22.50 18.29
O4 PO4 B . 5.34 -22.07 20.42
C ACT C . -6.65 22.22 2.81
O ACT C . -7.55 22.73 3.48
OXT ACT C . -5.61 22.85 2.63
CH3 ACT C . -6.79 20.83 2.30
#